data_5WIV
#
_entry.id   5WIV
#
_cell.length_a   67.861
_cell.length_b   162.836
_cell.length_c   83.181
_cell.angle_alpha   90.000
_cell.angle_beta   90.000
_cell.angle_gamma   90.000
#
_symmetry.space_group_name_H-M   'C 2 2 21'
#
loop_
_entity.id
_entity.type
_entity.pdbx_description
1 polymer 'D(4) dopamine receptor, soluble cytochrome b562 chimera'
2 non-polymer Nemonapride
3 non-polymer 'PHOSPHATE ION'
4 non-polymer 'OLEIC ACID'
5 non-polymer DI(HYDROXYETHYL)ETHER
6 non-polymer 'SODIUM ION'
7 water water
#
_entity_poly.entity_id   1
_entity_poly.type   'polypeptide(L)'
_entity_poly.pdbx_seq_one_letter_code
;GGTTMGNRSTADADGLLAGRGPAAGASAGASAGLAGQGAAALVGGVLLIGAVLAGNSLVCVSVATERALQTPTNSFIVSL
AAADLLLALLVLPLFVYSEVQGGAWLLSPRLCDALMAMDVMLCTASIFNLCAISVDRFVAVAVPLRYNRQGGSRRQLLLI
GATWLLSAAVAAPVLCGLNDVRGRDPAVCRLEDRDYVVYSSVCSFFLPCPLMLLLYWATFRGLQRWEVARRADLEDNWET
LNDNLKVIEKADNAAQVKDALTKMRAAALDAQKATPPKLEDKSPDSPEMKDFRHGFDILVGQIDDALKLANEGKVKEAQA
AAEQLKTTRNAYIQKYLAKITGRERKAMRVLPVVVGAFLLCWTPFFVVHITQALCPACSVPPRLVSAVTWLGYVNSALNP
VIYTVFNAEFRNVFRKALRACC
;
_entity_poly.pdbx_strand_id   A
#
# COMPACT_ATOMS: atom_id res chain seq x y z
N GLY A 36 -22.55 31.40 -12.26
CA GLY A 36 -22.30 30.60 -13.44
C GLY A 36 -21.04 29.77 -13.29
N GLN A 37 -19.89 30.43 -13.40
CA GLN A 37 -18.61 29.78 -13.15
C GLN A 37 -18.48 29.51 -11.65
N GLY A 38 -19.10 30.37 -10.86
CA GLY A 38 -19.07 30.25 -9.40
C GLY A 38 -19.91 29.10 -8.87
N ALA A 39 -21.06 28.86 -9.48
CA ALA A 39 -21.97 27.80 -9.06
C ALA A 39 -21.42 26.40 -9.33
N ALA A 40 -20.72 26.25 -10.47
CA ALA A 40 -20.08 24.98 -10.79
C ALA A 40 -18.97 24.64 -9.79
N ALA A 41 -18.21 25.67 -9.40
CA ALA A 41 -17.15 25.50 -8.42
C ALA A 41 -17.74 25.06 -7.10
N LEU A 42 -18.80 25.74 -6.69
CA LEU A 42 -19.44 25.46 -5.42
C LEU A 42 -19.98 24.03 -5.37
N VAL A 43 -20.79 23.66 -6.35
CA VAL A 43 -21.37 22.33 -6.39
C VAL A 43 -20.26 21.31 -6.56
N GLY A 44 -19.38 21.56 -7.52
CA GLY A 44 -18.25 20.67 -7.76
C GLY A 44 -17.39 20.52 -6.52
N GLY A 45 -17.20 21.61 -5.79
CA GLY A 45 -16.35 21.58 -4.63
C GLY A 45 -16.95 20.86 -3.44
N VAL A 46 -18.24 21.09 -3.20
CA VAL A 46 -18.92 20.43 -2.09
C VAL A 46 -18.98 18.93 -2.36
N LEU A 47 -19.27 18.57 -3.60
CA LEU A 47 -19.25 17.16 -3.98
C LEU A 47 -17.85 16.54 -3.89
N LEU A 48 -16.83 17.27 -4.30
CA LEU A 48 -15.48 16.79 -4.17
C LEU A 48 -15.12 16.59 -2.69
N ILE A 49 -15.35 17.61 -1.87
CA ILE A 49 -15.04 17.54 -0.45
C ILE A 49 -15.81 16.41 0.24
N GLY A 50 -17.10 16.30 -0.07
CA GLY A 50 -17.89 15.22 0.48
C GLY A 50 -17.33 13.85 0.09
N ALA A 51 -16.92 13.72 -1.17
CA ALA A 51 -16.39 12.43 -1.66
C ALA A 51 -15.02 12.10 -1.10
N VAL A 52 -14.23 13.11 -0.78
CA VAL A 52 -12.91 12.82 -0.23
C VAL A 52 -13.07 12.34 1.22
N LEU A 53 -13.90 13.03 1.99
CA LEU A 53 -14.08 12.70 3.39
C LEU A 53 -14.72 11.33 3.49
N ALA A 54 -15.78 11.12 2.73
CA ALA A 54 -16.53 9.87 2.79
C ALA A 54 -15.63 8.68 2.46
N GLY A 55 -15.00 8.73 1.30
CA GLY A 55 -14.22 7.60 0.83
C GLY A 55 -13.04 7.30 1.74
N ASN A 56 -12.30 8.34 2.11
CA ASN A 56 -11.09 8.14 2.87
C ASN A 56 -11.32 7.79 4.33
N SER A 57 -12.41 8.27 4.94
CA SER A 57 -12.77 7.85 6.29
CA SER A 57 -12.71 7.84 6.30
C SER A 57 -13.07 6.36 6.29
N LEU A 58 -13.79 5.93 5.26
CA LEU A 58 -14.21 4.54 5.15
C LEU A 58 -13.00 3.64 4.95
N VAL A 59 -11.94 4.19 4.40
CA VAL A 59 -10.71 3.43 4.24
C VAL A 59 -10.06 3.25 5.60
N CYS A 60 -9.91 4.34 6.36
CA CYS A 60 -9.25 4.32 7.66
C CYS A 60 -9.96 3.42 8.67
N VAL A 61 -11.28 3.55 8.73
CA VAL A 61 -12.11 2.72 9.58
C VAL A 61 -11.99 1.24 9.21
N SER A 62 -11.91 0.97 7.90
CA SER A 62 -11.83 -0.41 7.42
CA SER A 62 -11.83 -0.41 7.42
C SER A 62 -10.51 -1.05 7.81
N VAL A 63 -9.43 -0.27 7.72
CA VAL A 63 -8.15 -0.83 8.13
C VAL A 63 -8.21 -1.07 9.64
N ALA A 64 -8.85 -0.15 10.36
CA ALA A 64 -9.02 -0.25 11.81
C ALA A 64 -9.91 -1.42 12.27
N THR A 65 -10.97 -1.72 11.51
CA THR A 65 -11.94 -2.74 11.94
C THR A 65 -11.61 -4.15 11.44
N GLU A 66 -10.92 -4.25 10.30
CA GLU A 66 -10.75 -5.54 9.63
C GLU A 66 -9.31 -6.05 9.70
N ARG A 67 -9.12 -7.16 10.42
CA ARG A 67 -7.79 -7.73 10.62
C ARG A 67 -7.08 -8.09 9.31
N ALA A 68 -7.84 -8.55 8.32
CA ALA A 68 -7.26 -8.89 7.03
C ALA A 68 -6.63 -7.66 6.36
N LEU A 69 -6.98 -6.46 6.81
CA LEU A 69 -6.46 -5.24 6.18
C LEU A 69 -5.30 -4.63 6.92
N GLN A 70 -4.97 -5.18 8.08
CA GLN A 70 -3.91 -4.59 8.88
C GLN A 70 -2.56 -5.18 8.45
N THR A 71 -2.04 -4.65 7.34
CA THR A 71 -0.80 -5.13 6.78
C THR A 71 0.22 -4.00 6.69
N PRO A 72 1.51 -4.33 6.52
CA PRO A 72 2.57 -3.35 6.30
C PRO A 72 2.25 -2.36 5.18
N THR A 73 1.77 -2.88 4.06
CA THR A 73 1.40 -2.02 2.95
C THR A 73 0.28 -1.06 3.32
N ASN A 74 -0.68 -1.54 4.09
CA ASN A 74 -1.86 -0.74 4.33
C ASN A 74 -1.61 0.37 5.36
N SER A 75 -0.49 0.27 6.08
CA SER A 75 -0.07 1.36 6.94
CA SER A 75 -0.06 1.37 6.94
C SER A 75 0.17 2.62 6.09
N PHE A 76 0.80 2.42 4.95
CA PHE A 76 1.00 3.52 4.01
C PHE A 76 -0.29 3.98 3.37
N ILE A 77 -1.20 3.05 3.17
CA ILE A 77 -2.49 3.40 2.59
C ILE A 77 -3.27 4.28 3.56
N VAL A 78 -3.12 4.00 4.85
CA VAL A 78 -3.76 4.85 5.85
C VAL A 78 -3.13 6.25 5.84
N SER A 79 -1.80 6.30 5.75
CA SER A 79 -1.08 7.57 5.62
C SER A 79 -1.56 8.42 4.42
N LEU A 80 -1.69 7.77 3.27
CA LEU A 80 -2.28 8.40 2.08
C LEU A 80 -3.71 8.88 2.32
N ALA A 81 -4.47 8.13 3.11
CA ALA A 81 -5.84 8.52 3.41
C ALA A 81 -5.84 9.76 4.30
N ALA A 82 -4.96 9.78 5.28
CA ALA A 82 -4.79 10.94 6.14
C ALA A 82 -4.48 12.18 5.30
N ALA A 83 -3.54 12.05 4.36
CA ALA A 83 -3.14 13.21 3.55
C ALA A 83 -4.35 13.74 2.80
N ASP A 84 -5.20 12.83 2.35
CA ASP A 84 -6.36 13.22 1.58
C ASP A 84 -7.45 13.83 2.49
N LEU A 85 -7.62 13.27 3.68
CA LEU A 85 -8.59 13.82 4.61
C LEU A 85 -8.19 15.23 5.01
N LEU A 86 -6.89 15.44 5.25
CA LEU A 86 -6.39 16.74 5.66
C LEU A 86 -6.57 17.78 4.55
N LEU A 87 -6.44 17.34 3.30
CA LEU A 87 -6.65 18.20 2.16
C LEU A 87 -8.08 18.70 2.15
N ALA A 88 -9.02 17.77 2.35
CA ALA A 88 -10.43 18.09 2.34
C ALA A 88 -10.83 18.99 3.51
N LEU A 89 -10.16 18.81 4.64
CA LEU A 89 -10.45 19.63 5.82
C LEU A 89 -9.81 21.01 5.78
N LEU A 90 -8.57 21.07 5.31
CA LEU A 90 -7.77 22.26 5.51
C LEU A 90 -7.57 23.10 4.27
N VAL A 91 -7.73 22.51 3.09
CA VAL A 91 -7.33 23.20 1.87
C VAL A 91 -8.50 23.42 0.94
N LEU A 92 -9.26 22.36 0.67
CA LEU A 92 -10.33 22.43 -0.33
C LEU A 92 -11.43 23.48 -0.05
N PRO A 93 -11.85 23.64 1.22
CA PRO A 93 -12.92 24.62 1.48
C PRO A 93 -12.56 26.03 1.05
N LEU A 94 -11.34 26.47 1.35
CA LEU A 94 -10.93 27.81 0.97
C LEU A 94 -10.52 27.82 -0.48
N PHE A 95 -10.18 26.65 -1.02
CA PHE A 95 -9.91 26.57 -2.44
C PHE A 95 -11.20 26.82 -3.22
N VAL A 96 -12.25 26.10 -2.84
CA VAL A 96 -13.58 26.28 -3.44
C VAL A 96 -14.10 27.72 -3.30
N TYR A 97 -14.04 28.25 -2.08
CA TYR A 97 -14.40 29.62 -1.84
C TYR A 97 -13.62 30.54 -2.77
N SER A 98 -12.34 30.25 -2.95
CA SER A 98 -11.53 31.05 -3.86
C SER A 98 -12.10 30.95 -5.27
N GLU A 99 -12.49 29.74 -5.66
CA GLU A 99 -12.95 29.47 -7.03
C GLU A 99 -14.30 30.12 -7.31
N VAL A 100 -15.14 30.21 -6.29
CA VAL A 100 -16.39 30.95 -6.44
C VAL A 100 -16.10 32.44 -6.68
N GLN A 101 -15.13 32.99 -5.95
CA GLN A 101 -14.72 34.38 -6.15
C GLN A 101 -13.90 34.57 -7.41
N GLY A 102 -13.92 33.56 -8.28
CA GLY A 102 -13.17 33.60 -9.52
C GLY A 102 -11.67 33.75 -9.34
N GLY A 103 -11.12 33.08 -8.33
CA GLY A 103 -9.69 33.09 -8.11
C GLY A 103 -9.17 34.26 -7.28
N ALA A 104 -10.05 35.21 -6.96
CA ALA A 104 -9.67 36.33 -6.10
C ALA A 104 -9.50 35.82 -4.68
N TRP A 105 -8.58 36.42 -3.94
CA TRP A 105 -8.32 36.02 -2.57
C TRP A 105 -8.57 37.23 -1.66
N LEU A 106 -9.65 37.16 -0.91
CA LEU A 106 -10.13 38.33 -0.17
C LEU A 106 -9.64 38.34 1.27
N LEU A 107 -8.93 37.30 1.68
CA LEU A 107 -8.50 37.15 3.07
C LEU A 107 -7.06 37.57 3.30
N SER A 108 -6.56 37.33 4.50
CA SER A 108 -5.20 37.66 4.87
C SER A 108 -4.15 37.02 3.97
N PRO A 109 -3.04 37.73 3.71
CA PRO A 109 -1.90 37.13 2.99
C PRO A 109 -1.13 36.09 3.81
N ARG A 110 -1.18 36.20 5.14
CA ARG A 110 -0.56 35.19 6.00
C ARG A 110 -1.38 33.91 5.98
N LEU A 111 -2.70 34.04 5.96
CA LEU A 111 -3.56 32.87 5.81
C LEU A 111 -3.28 32.18 4.47
N CYS A 112 -3.12 32.97 3.41
CA CYS A 112 -2.77 32.44 2.09
C CYS A 112 -1.47 31.64 2.17
N ASP A 113 -0.44 32.23 2.76
CA ASP A 113 0.81 31.50 2.96
C ASP A 113 0.60 30.20 3.73
N ALA A 114 -0.18 30.24 4.80
CA ALA A 114 -0.48 29.03 5.54
C ALA A 114 -1.19 27.98 4.67
N LEU A 115 -2.10 28.43 3.83
CA LEU A 115 -2.84 27.52 2.96
C LEU A 115 -1.96 26.88 1.91
N MET A 116 -1.12 27.70 1.27
CA MET A 116 -0.23 27.21 0.24
C MET A 116 0.80 26.23 0.82
N ALA A 117 1.34 26.53 2.01
CA ALA A 117 2.30 25.60 2.60
C ALA A 117 1.64 24.26 2.88
N MET A 118 0.41 24.30 3.37
CA MET A 118 -0.35 23.06 3.58
C MET A 118 -0.64 22.40 2.22
N ASP A 119 -0.98 23.21 1.22
CA ASP A 119 -1.19 22.69 -0.14
C ASP A 119 0.03 21.90 -0.60
N VAL A 120 1.19 22.56 -0.58
CA VAL A 120 2.43 21.92 -1.03
C VAL A 120 2.76 20.68 -0.20
N MET A 121 2.59 20.75 1.11
CA MET A 121 2.95 19.63 1.98
C MET A 121 2.12 18.38 1.69
N LEU A 122 0.82 18.56 1.55
CA LEU A 122 -0.08 17.41 1.40
C LEU A 122 0.13 16.77 0.02
N CYS A 123 0.41 17.60 -0.97
CA CYS A 123 0.72 17.08 -2.29
C CYS A 123 2.01 16.29 -2.22
N THR A 124 3.02 16.88 -1.61
CA THR A 124 4.32 16.25 -1.49
C THR A 124 4.22 14.97 -0.66
N ALA A 125 3.44 15.01 0.40
CA ALA A 125 3.29 13.85 1.27
C ALA A 125 2.66 12.66 0.54
N SER A 126 1.69 12.94 -0.34
CA SER A 126 1.09 11.85 -1.11
C SER A 126 2.13 11.16 -2.00
N ILE A 127 2.96 11.95 -2.66
CA ILE A 127 3.97 11.42 -3.57
C ILE A 127 5.04 10.69 -2.78
N PHE A 128 5.51 11.31 -1.72
CA PHE A 128 6.56 10.71 -0.93
C PHE A 128 6.06 9.38 -0.32
N ASN A 129 4.77 9.29 0.01
CA ASN A 129 4.24 8.03 0.52
C ASN A 129 4.14 6.95 -0.55
N LEU A 130 3.80 7.33 -1.78
CA LEU A 130 3.81 6.37 -2.89
C LEU A 130 5.22 5.89 -3.11
N CYS A 131 6.18 6.79 -2.91
CA CYS A 131 7.60 6.43 -2.97
CA CYS A 131 7.58 6.40 -3.01
C CYS A 131 7.98 5.50 -1.83
N ALA A 132 7.51 5.82 -0.64
CA ALA A 132 7.83 5.02 0.53
C ALA A 132 7.31 3.59 0.37
N ILE A 133 6.13 3.44 -0.22
CA ILE A 133 5.58 2.12 -0.51
C ILE A 133 6.51 1.28 -1.36
N SER A 134 7.04 1.90 -2.41
CA SER A 134 7.89 1.17 -3.35
C SER A 134 9.22 0.82 -2.69
N VAL A 135 9.77 1.74 -1.91
CA VAL A 135 10.96 1.43 -1.11
C VAL A 135 10.68 0.30 -0.12
N ASP A 136 9.57 0.41 0.61
CA ASP A 136 9.22 -0.60 1.59
C ASP A 136 9.02 -1.97 0.93
N ARG A 137 8.33 -2.01 -0.20
CA ARG A 137 8.00 -3.28 -0.83
C ARG A 137 9.22 -3.85 -1.50
N PHE A 138 10.12 -2.99 -1.97
CA PHE A 138 11.32 -3.50 -2.61
C PHE A 138 12.17 -4.20 -1.57
N VAL A 139 12.26 -3.58 -0.39
CA VAL A 139 13.07 -4.13 0.69
C VAL A 139 12.45 -5.41 1.23
N ALA A 140 11.12 -5.46 1.34
CA ALA A 140 10.47 -6.68 1.80
C ALA A 140 10.77 -7.82 0.84
N VAL A 141 10.87 -7.49 -0.43
CA VAL A 141 11.09 -8.49 -1.46
C VAL A 141 12.55 -8.91 -1.54
N ALA A 142 13.44 -7.91 -1.59
CA ALA A 142 14.88 -8.16 -1.75
C ALA A 142 15.55 -8.70 -0.49
N VAL A 143 14.95 -8.44 0.67
CA VAL A 143 15.57 -8.76 1.96
C VAL A 143 14.68 -9.62 2.86
N PRO A 144 14.71 -10.94 2.65
CA PRO A 144 13.99 -11.90 3.50
C PRO A 144 14.46 -11.92 4.97
N LEU A 145 13.58 -11.50 5.89
CA LEU A 145 13.94 -11.52 7.31
C LEU A 145 12.96 -12.34 8.15
N ARG A 146 13.50 -13.09 9.09
CA ARG A 146 12.70 -13.80 10.07
C ARG A 146 13.07 -13.33 11.49
N TYR A 147 12.07 -12.83 12.21
CA TYR A 147 12.28 -12.30 13.56
C TYR A 147 12.11 -13.40 14.60
N ASN A 148 12.65 -13.17 15.81
CA ASN A 148 12.47 -14.10 16.93
C ASN A 148 11.20 -13.80 17.75
N ARG A 149 10.70 -12.58 17.67
CA ARG A 149 9.60 -12.16 18.52
C ARG A 149 8.36 -11.79 17.70
N GLN A 150 7.24 -11.63 18.41
CA GLN A 150 5.94 -11.43 17.77
C GLN A 150 5.75 -10.02 17.19
N GLY A 151 5.36 -9.96 15.92
CA GLY A 151 4.98 -8.70 15.32
C GLY A 151 6.01 -8.10 14.37
N GLY A 152 5.60 -7.01 13.72
CA GLY A 152 6.49 -6.30 12.83
C GLY A 152 7.51 -5.50 13.61
N SER A 153 8.36 -4.79 12.89
CA SER A 153 9.34 -3.90 13.50
C SER A 153 8.78 -2.50 13.64
N ARG A 154 7.61 -2.27 13.05
CA ARG A 154 7.01 -0.94 12.93
C ARG A 154 7.91 -0.01 12.13
N ARG A 155 8.79 -0.58 11.31
CA ARG A 155 9.63 0.22 10.44
C ARG A 155 8.80 0.99 9.42
N GLN A 156 7.62 0.50 9.08
CA GLN A 156 6.75 1.25 8.17
C GLN A 156 6.29 2.55 8.83
N LEU A 157 5.97 2.47 10.11
CA LEU A 157 5.56 3.65 10.86
CA LEU A 157 5.56 3.64 10.88
C LEU A 157 6.67 4.67 10.94
N LEU A 158 7.89 4.19 11.14
CA LEU A 158 9.04 5.07 11.19
C LEU A 158 9.24 5.72 9.83
N LEU A 159 9.11 4.92 8.77
CA LEU A 159 9.29 5.43 7.41
C LEU A 159 8.17 6.42 7.08
N ILE A 160 6.95 6.13 7.48
CA ILE A 160 5.83 7.07 7.30
C ILE A 160 6.08 8.40 8.04
N GLY A 161 6.52 8.32 9.29
CA GLY A 161 6.93 9.51 10.01
C GLY A 161 7.99 10.31 9.25
N ALA A 162 8.97 9.60 8.72
CA ALA A 162 10.03 10.22 7.93
C ALA A 162 9.45 10.93 6.69
N THR A 163 8.48 10.29 6.05
CA THR A 163 7.87 10.80 4.83
C THR A 163 7.17 12.13 5.05
N TRP A 164 6.53 12.26 6.22
CA TRP A 164 5.77 13.45 6.57
C TRP A 164 6.71 14.56 7.00
N LEU A 165 7.76 14.23 7.72
CA LEU A 165 8.71 15.24 8.11
C LEU A 165 9.43 15.76 6.83
N LEU A 166 9.65 14.89 5.86
CA LEU A 166 10.31 15.30 4.61
CA LEU A 166 10.33 15.32 4.64
C LEU A 166 9.44 16.25 3.81
N SER A 167 8.15 15.93 3.76
CA SER A 167 7.17 16.77 3.07
C SER A 167 7.04 18.14 3.70
N ALA A 168 7.06 18.17 5.03
CA ALA A 168 7.04 19.43 5.76
C ALA A 168 8.30 20.22 5.47
N ALA A 169 9.44 19.54 5.35
CA ALA A 169 10.69 20.24 5.05
C ALA A 169 10.64 20.92 3.65
N VAL A 170 10.06 20.23 2.67
CA VAL A 170 9.91 20.82 1.34
C VAL A 170 9.01 22.06 1.40
N ALA A 171 7.91 21.96 2.14
CA ALA A 171 6.90 23.01 2.22
C ALA A 171 7.23 24.15 3.17
N ALA A 172 8.13 23.91 4.13
CA ALA A 172 8.41 24.89 5.19
C ALA A 172 8.67 26.35 4.73
N PRO A 173 9.41 26.55 3.61
CA PRO A 173 9.66 27.95 3.25
C PRO A 173 8.42 28.73 2.83
N VAL A 174 7.38 28.07 2.34
CA VAL A 174 6.16 28.78 1.94
C VAL A 174 5.56 29.54 3.11
N LEU A 175 5.61 28.94 4.31
CA LEU A 175 5.13 29.58 5.52
C LEU A 175 5.84 30.87 5.85
N CYS A 176 7.06 31.05 5.36
CA CYS A 176 7.85 32.24 5.68
C CYS A 176 7.48 33.43 4.79
N GLY A 177 6.66 33.18 3.75
CA GLY A 177 6.17 34.23 2.88
C GLY A 177 7.08 34.47 1.69
N LEU A 178 6.74 33.86 0.56
CA LEU A 178 7.61 33.90 -0.61
C LEU A 178 7.22 34.93 -1.67
N ASN A 179 6.04 35.52 -1.55
CA ASN A 179 5.51 36.40 -2.61
C ASN A 179 5.97 37.86 -2.50
N ASP A 180 5.80 38.60 -3.60
CA ASP A 180 6.03 40.05 -3.60
C ASP A 180 4.73 40.77 -3.22
N PRO A 186 -0.32 39.57 -4.16
CA PRO A 186 -1.37 40.60 -4.17
C PRO A 186 -2.74 40.04 -3.71
N ALA A 187 -3.75 40.23 -4.56
CA ALA A 187 -5.13 39.87 -4.22
C ALA A 187 -5.48 38.45 -4.65
N VAL A 188 -4.47 37.65 -4.97
CA VAL A 188 -4.68 36.26 -5.36
C VAL A 188 -3.79 35.37 -4.50
N CYS A 189 -4.15 34.09 -4.39
CA CYS A 189 -3.35 33.17 -3.62
C CYS A 189 -2.62 32.20 -4.53
N ARG A 190 -1.37 32.55 -4.88
CA ARG A 190 -0.55 31.75 -5.78
C ARG A 190 0.90 31.72 -5.30
N LEU A 191 1.60 30.65 -5.62
CA LEU A 191 3.04 30.64 -5.41
C LEU A 191 3.70 31.41 -6.54
N GLU A 192 4.22 32.60 -6.23
CA GLU A 192 4.78 33.46 -7.25
C GLU A 192 6.30 33.40 -7.28
N ASP A 193 6.89 32.66 -6.34
CA ASP A 193 8.35 32.52 -6.29
C ASP A 193 8.77 31.43 -7.27
N ARG A 194 9.40 31.83 -8.37
CA ARG A 194 9.63 30.87 -9.45
C ARG A 194 10.70 29.84 -9.11
N ASP A 195 11.72 30.23 -8.36
CA ASP A 195 12.75 29.29 -7.96
C ASP A 195 12.15 28.26 -7.02
N TYR A 196 11.27 28.69 -6.12
CA TYR A 196 10.63 27.73 -5.22
C TYR A 196 9.78 26.72 -6.02
N VAL A 197 8.97 27.22 -6.96
CA VAL A 197 8.10 26.33 -7.72
C VAL A 197 8.90 25.30 -8.52
N VAL A 198 9.99 25.72 -9.16
CA VAL A 198 10.81 24.75 -9.88
C VAL A 198 11.38 23.73 -8.89
N TYR A 199 11.94 24.22 -7.78
CA TYR A 199 12.48 23.36 -6.72
C TYR A 199 11.49 22.29 -6.26
N SER A 200 10.28 22.71 -5.93
CA SER A 200 9.32 21.75 -5.42
C SER A 200 8.76 20.88 -6.55
N SER A 201 8.64 21.42 -7.77
CA SER A 201 8.18 20.58 -8.88
C SER A 201 9.14 19.39 -9.07
N VAL A 202 10.42 19.66 -8.90
CA VAL A 202 11.43 18.63 -9.08
C VAL A 202 11.45 17.70 -7.87
N CYS A 203 11.57 18.26 -6.67
CA CYS A 203 11.70 17.46 -5.46
C CYS A 203 10.46 16.67 -5.11
N SER A 204 9.31 17.27 -5.35
CA SER A 204 8.08 16.64 -4.93
C SER A 204 7.57 15.75 -6.03
N PHE A 205 7.95 15.99 -7.28
CA PHE A 205 7.30 15.22 -8.33
C PHE A 205 8.23 14.65 -9.41
N PHE A 206 8.95 15.49 -10.14
CA PHE A 206 9.66 14.97 -11.32
C PHE A 206 10.83 14.06 -10.97
N LEU A 207 11.34 14.20 -9.75
CA LEU A 207 12.43 13.35 -9.28
C LEU A 207 11.91 12.05 -8.62
N PRO A 208 10.92 12.14 -7.69
CA PRO A 208 10.40 10.90 -7.11
C PRO A 208 9.77 9.92 -8.11
N CYS A 209 9.21 10.46 -9.17
CA CYS A 209 8.42 9.66 -10.09
C CYS A 209 9.25 8.60 -10.82
N PRO A 210 10.36 8.97 -11.48
CA PRO A 210 11.10 7.89 -12.14
C PRO A 210 11.69 6.88 -11.15
N LEU A 211 12.09 7.32 -9.98
CA LEU A 211 12.69 6.44 -8.99
C LEU A 211 11.65 5.47 -8.46
N MET A 212 10.48 6.01 -8.18
CA MET A 212 9.36 5.19 -7.75
C MET A 212 9.02 4.17 -8.83
N LEU A 213 9.02 4.60 -10.09
CA LEU A 213 8.72 3.68 -11.18
C LEU A 213 9.80 2.60 -11.33
N LEU A 214 11.06 2.96 -11.16
CA LEU A 214 12.15 1.98 -11.21
CA LEU A 214 12.13 1.96 -11.24
C LEU A 214 12.01 0.95 -10.09
N LEU A 215 11.64 1.43 -8.91
CA LEU A 215 11.51 0.56 -7.74
C LEU A 215 10.32 -0.41 -7.81
N TYR A 216 9.17 0.07 -8.27
CA TYR A 216 8.04 -0.83 -8.45
C TYR A 216 8.45 -1.86 -9.47
N TRP A 217 9.15 -1.42 -10.53
CA TRP A 217 9.53 -2.35 -11.58
C TRP A 217 10.44 -3.46 -11.04
N ALA A 218 11.48 -3.06 -10.31
CA ALA A 218 12.38 -4.03 -9.68
C ALA A 218 11.65 -4.95 -8.69
N THR A 219 10.68 -4.40 -7.96
CA THR A 219 9.96 -5.18 -6.96
C THR A 219 9.17 -6.30 -7.62
N PHE A 220 8.44 -5.95 -8.68
CA PHE A 220 7.61 -6.93 -9.35
C PHE A 220 8.45 -8.00 -10.03
N ARG A 221 9.59 -7.64 -10.59
CA ARG A 221 10.49 -8.62 -11.19
C ARG A 221 11.12 -9.51 -10.13
N GLY A 222 11.45 -8.93 -8.97
CA GLY A 222 11.99 -9.68 -7.86
C GLY A 222 11.06 -10.79 -7.39
N LEU A 223 9.78 -10.49 -7.25
CA LEU A 223 8.81 -11.49 -6.81
C LEU A 223 8.66 -12.58 -7.83
N GLN A 224 8.64 -12.18 -9.10
CA GLN A 224 8.50 -13.16 -10.18
C GLN A 224 9.60 -14.21 -10.12
N ARG A 225 10.78 -13.82 -9.66
CA ARG A 225 11.90 -14.76 -9.57
C ARG A 225 11.65 -15.80 -8.48
N TRP A 226 10.69 -15.54 -7.60
CA TRP A 226 10.32 -16.50 -6.55
C TRP A 226 9.20 -17.43 -6.96
N GLU A 227 8.53 -17.14 -8.07
CA GLU A 227 7.33 -17.88 -8.41
C GLU A 227 7.68 -19.15 -9.15
N VAL A 228 7.26 -20.31 -8.62
CA VAL A 228 7.60 -21.59 -9.23
C VAL A 228 6.77 -21.78 -10.50
N ALA A 229 7.32 -22.60 -11.39
CA ALA A 229 6.67 -22.96 -12.64
C ALA A 229 5.38 -23.72 -12.37
N ARG A 230 5.49 -24.68 -11.46
CA ARG A 230 4.36 -25.55 -11.17
C ARG A 230 3.50 -24.97 -10.06
N ARG A 231 2.93 -23.83 -10.38
CA ARG A 231 2.06 -23.07 -9.48
CA ARG A 231 2.05 -23.07 -9.49
C ARG A 231 0.84 -23.86 -9.04
N ALA A 232 0.16 -24.52 -9.97
CA ALA A 232 -1.07 -25.17 -9.59
C ALA A 232 -0.82 -26.34 -8.60
N ASP A 233 0.29 -27.07 -8.80
CA ASP A 233 0.70 -28.14 -7.87
C ASP A 233 0.89 -27.60 -6.46
N LEU A 234 1.61 -26.47 -6.35
CA LEU A 234 1.91 -25.95 -5.02
C LEU A 234 0.63 -25.37 -4.38
N GLU A 235 -0.24 -24.79 -5.20
CA GLU A 235 -1.55 -24.37 -4.72
C GLU A 235 -2.36 -25.57 -4.22
N ASP A 236 -2.26 -26.72 -4.91
CA ASP A 236 -2.94 -27.93 -4.42
C ASP A 236 -2.42 -28.34 -3.05
N ASN A 237 -1.09 -28.36 -2.90
CA ASN A 237 -0.46 -28.71 -1.64
C ASN A 237 -0.89 -27.80 -0.50
N TRP A 238 -1.03 -26.54 -0.85
CA TRP A 238 -1.38 -25.51 0.09
C TRP A 238 -2.82 -25.68 0.56
N GLU A 239 -3.69 -25.99 -0.39
CA GLU A 239 -5.09 -26.27 -0.08
C GLU A 239 -5.22 -27.55 0.77
N THR A 240 -4.44 -28.59 0.44
CA THR A 240 -4.44 -29.81 1.24
C THR A 240 -4.11 -29.51 2.70
N LEU A 241 -3.11 -28.67 2.92
CA LEU A 241 -2.74 -28.28 4.27
C LEU A 241 -3.89 -27.58 5.02
N ASN A 242 -4.44 -26.54 4.41
CA ASN A 242 -5.52 -25.77 5.03
C ASN A 242 -6.82 -26.52 5.17
N ASP A 243 -7.20 -27.28 4.16
CA ASP A 243 -8.42 -28.09 4.22
C ASP A 243 -8.35 -29.12 5.34
N ASN A 244 -7.18 -29.72 5.52
CA ASN A 244 -7.06 -30.80 6.49
C ASN A 244 -6.86 -30.30 7.93
N LEU A 245 -6.30 -29.11 8.11
CA LEU A 245 -6.30 -28.49 9.44
C LEU A 245 -7.72 -28.22 9.90
N LYS A 246 -8.58 -27.82 8.97
CA LYS A 246 -9.99 -27.65 9.27
C LYS A 246 -10.70 -29.00 9.49
N VAL A 247 -10.32 -30.03 8.74
CA VAL A 247 -10.87 -31.35 9.02
C VAL A 247 -10.49 -31.78 10.44
N ILE A 248 -9.27 -31.47 10.84
CA ILE A 248 -8.76 -31.89 12.15
C ILE A 248 -9.52 -31.19 13.29
N GLU A 249 -9.75 -29.90 13.11
CA GLU A 249 -10.47 -29.07 14.06
C GLU A 249 -11.85 -29.63 14.46
N LYS A 250 -12.53 -30.24 13.51
CA LYS A 250 -13.90 -30.69 13.69
C LYS A 250 -14.05 -32.20 13.65
N ALA A 251 -12.93 -32.93 13.76
CA ALA A 251 -12.98 -34.36 13.55
C ALA A 251 -13.91 -34.99 14.55
N ASP A 252 -14.52 -36.10 14.17
CA ASP A 252 -15.34 -36.89 15.08
C ASP A 252 -14.46 -37.80 15.91
N ASN A 253 -13.35 -38.25 15.33
CA ASN A 253 -12.53 -39.27 15.98
C ASN A 253 -11.07 -39.22 15.55
N ALA A 254 -10.28 -40.11 16.16
CA ALA A 254 -8.85 -40.16 15.93
C ALA A 254 -8.47 -40.55 14.49
N ALA A 255 -9.26 -41.43 13.86
CA ALA A 255 -8.93 -41.92 12.52
C ALA A 255 -9.04 -40.78 11.49
N GLN A 256 -10.06 -39.95 11.64
CA GLN A 256 -10.20 -38.77 10.80
C GLN A 256 -9.01 -37.84 10.99
N VAL A 257 -8.58 -37.67 12.25
CA VAL A 257 -7.45 -36.80 12.52
C VAL A 257 -6.21 -37.40 11.86
N LYS A 258 -5.98 -38.69 12.10
CA LYS A 258 -4.83 -39.35 11.54
C LYS A 258 -4.82 -39.29 10.00
N ASP A 259 -5.99 -39.42 9.38
CA ASP A 259 -6.06 -39.44 7.93
C ASP A 259 -5.67 -38.04 7.42
N ALA A 260 -6.25 -37.03 8.05
CA ALA A 260 -5.98 -35.65 7.70
C ALA A 260 -4.49 -35.31 7.88
N LEU A 261 -3.91 -35.72 9.01
CA LEU A 261 -2.50 -35.47 9.25
C LEU A 261 -1.63 -36.18 8.21
N THR A 262 -2.05 -37.35 7.77
CA THR A 262 -1.29 -38.11 6.78
C THR A 262 -1.24 -37.37 5.44
N LYS A 263 -2.37 -36.78 5.05
CA LYS A 263 -2.42 -36.01 3.81
C LYS A 263 -1.56 -34.75 3.90
N MET A 264 -1.59 -34.10 5.06
CA MET A 264 -0.80 -32.92 5.29
C MET A 264 0.67 -33.22 5.15
N ARG A 265 1.08 -34.37 5.70
CA ARG A 265 2.48 -34.75 5.69
C ARG A 265 2.96 -34.90 4.25
N ALA A 266 2.15 -35.57 3.43
CA ALA A 266 2.47 -35.76 2.03
C ALA A 266 2.53 -34.42 1.27
N ALA A 267 1.64 -33.50 1.63
CA ALA A 267 1.60 -32.20 0.96
C ALA A 267 2.78 -31.32 1.40
N ALA A 268 3.14 -31.39 2.68
CA ALA A 268 4.34 -30.71 3.17
C ALA A 268 5.58 -31.18 2.41
N LEU A 269 5.71 -32.50 2.23
CA LEU A 269 6.89 -33.04 1.52
C LEU A 269 6.92 -32.63 0.05
N ASP A 270 5.76 -32.59 -0.61
CA ASP A 270 5.67 -32.14 -1.99
C ASP A 270 6.08 -30.67 -2.12
N ALA A 271 5.42 -29.82 -1.32
CA ALA A 271 5.74 -28.40 -1.28
C ALA A 271 7.23 -28.18 -1.08
N GLN A 272 7.86 -29.04 -0.28
CA GLN A 272 9.28 -28.91 0.04
C GLN A 272 10.12 -29.03 -1.22
N LYS A 273 9.60 -29.74 -2.22
CA LYS A 273 10.33 -29.99 -3.46
C LYS A 273 10.09 -28.91 -4.51
N ALA A 274 9.18 -27.99 -4.25
CA ALA A 274 8.89 -26.91 -5.19
C ALA A 274 9.88 -25.79 -5.01
N THR A 275 10.95 -25.81 -5.80
CA THR A 275 12.02 -24.83 -5.66
C THR A 275 11.77 -23.58 -6.50
N PRO A 276 11.84 -22.41 -5.86
CA PRO A 276 11.70 -21.18 -6.65
C PRO A 276 12.91 -20.94 -7.54
N PRO A 277 12.71 -20.33 -8.73
CA PRO A 277 13.84 -19.97 -9.60
C PRO A 277 14.93 -19.21 -8.85
N LYS A 278 14.53 -18.40 -7.87
CA LYS A 278 15.47 -17.65 -7.03
C LYS A 278 16.55 -18.54 -6.40
N LEU A 279 16.18 -19.79 -6.07
CA LEU A 279 17.13 -20.74 -5.46
C LEU A 279 17.51 -21.93 -6.36
N GLU A 280 17.11 -21.89 -7.62
CA GLU A 280 17.31 -23.01 -8.54
C GLU A 280 18.79 -23.29 -8.80
N ASP A 281 19.56 -22.23 -9.04
CA ASP A 281 20.98 -22.36 -9.30
C ASP A 281 21.79 -22.48 -8.01
N LYS A 282 21.12 -22.30 -6.88
CA LYS A 282 21.77 -22.47 -5.59
C LYS A 282 22.00 -23.96 -5.33
N SER A 283 23.22 -24.31 -4.94
CA SER A 283 23.60 -25.70 -4.65
C SER A 283 22.78 -26.32 -3.53
N PRO A 284 22.63 -27.68 -3.54
CA PRO A 284 21.99 -28.43 -2.47
C PRO A 284 22.59 -28.17 -1.09
N ASP A 285 23.86 -27.78 -1.07
CA ASP A 285 24.58 -27.47 0.16
C ASP A 285 24.53 -25.98 0.53
N SER A 286 23.91 -25.17 -0.34
CA SER A 286 23.82 -23.73 -0.10
C SER A 286 23.03 -23.44 1.18
N PRO A 287 23.51 -22.48 1.98
CA PRO A 287 22.83 -22.08 3.22
C PRO A 287 21.46 -21.45 2.97
N GLU A 288 21.16 -21.10 1.72
CA GLU A 288 19.82 -20.64 1.35
C GLU A 288 18.92 -21.80 0.97
N MET A 289 19.53 -22.88 0.49
CA MET A 289 18.79 -24.10 0.23
C MET A 289 18.53 -24.83 1.54
N LYS A 290 19.54 -24.85 2.41
CA LYS A 290 19.42 -25.44 3.73
C LYS A 290 18.35 -24.73 4.58
N ASP A 291 18.18 -23.42 4.36
CA ASP A 291 17.08 -22.68 4.99
C ASP A 291 15.74 -23.23 4.52
N PHE A 292 15.55 -23.21 3.21
CA PHE A 292 14.29 -23.60 2.57
C PHE A 292 13.80 -24.95 3.07
N ARG A 293 14.63 -25.97 2.89
CA ARG A 293 14.33 -27.32 3.33
C ARG A 293 13.95 -27.35 4.80
N HIS A 294 14.61 -26.55 5.62
CA HIS A 294 14.46 -26.64 7.07
C HIS A 294 13.07 -26.30 7.58
N GLY A 295 12.49 -25.22 7.07
CA GLY A 295 11.16 -24.80 7.48
C GLY A 295 10.15 -25.92 7.33
N PHE A 296 10.30 -26.70 6.26
CA PHE A 296 9.40 -27.82 6.00
C PHE A 296 9.72 -29.02 6.89
N ASP A 297 10.96 -29.10 7.35
CA ASP A 297 11.34 -30.17 8.26
C ASP A 297 10.70 -29.97 9.62
N ILE A 298 10.69 -28.73 10.09
CA ILE A 298 10.02 -28.38 11.34
C ILE A 298 8.54 -28.73 11.23
N LEU A 299 7.96 -28.38 10.09
CA LEU A 299 6.56 -28.67 9.81
C LEU A 299 6.28 -30.16 9.82
N VAL A 300 7.06 -30.92 9.05
CA VAL A 300 6.87 -32.36 8.97
C VAL A 300 7.09 -33.00 10.34
N GLY A 301 8.05 -32.48 11.10
CA GLY A 301 8.30 -32.98 12.46
C GLY A 301 7.09 -32.78 13.37
N GLN A 302 6.48 -31.61 13.27
CA GLN A 302 5.25 -31.33 14.03
C GLN A 302 4.09 -32.22 13.58
N ILE A 303 3.96 -32.42 12.27
CA ILE A 303 2.91 -33.30 11.77
C ILE A 303 3.14 -34.73 12.30
N ASP A 304 4.41 -35.15 12.39
CA ASP A 304 4.71 -36.51 12.85
C ASP A 304 4.32 -36.72 14.33
N ASP A 305 4.59 -35.73 15.16
CA ASP A 305 4.24 -35.79 16.57
C ASP A 305 2.73 -35.82 16.75
N ALA A 306 2.01 -35.01 15.98
CA ALA A 306 0.54 -35.03 15.97
C ALA A 306 0.03 -36.40 15.49
N LEU A 307 0.74 -37.00 14.53
CA LEU A 307 0.36 -38.31 14.02
C LEU A 307 0.45 -39.39 15.10
N LYS A 308 1.53 -39.34 15.87
CA LYS A 308 1.73 -40.29 16.94
C LYS A 308 0.60 -40.21 17.96
N LEU A 309 0.22 -38.99 18.29
CA LEU A 309 -0.89 -38.73 19.22
C LEU A 309 -2.23 -39.22 18.67
N ALA A 310 -2.50 -38.92 17.40
CA ALA A 310 -3.76 -39.35 16.78
C ALA A 310 -3.83 -40.87 16.73
N ASN A 311 -2.71 -41.49 16.37
CA ASN A 311 -2.60 -42.95 16.29
C ASN A 311 -2.86 -43.63 17.64
N GLU A 312 -2.55 -42.95 18.73
CA GLU A 312 -2.80 -43.48 20.05
C GLU A 312 -4.20 -43.14 20.56
N GLY A 313 -5.03 -42.53 19.70
CA GLY A 313 -6.39 -42.16 20.08
C GLY A 313 -6.53 -40.87 20.88
N LYS A 314 -5.49 -40.06 20.92
CA LYS A 314 -5.54 -38.83 21.71
C LYS A 314 -5.95 -37.63 20.87
N VAL A 315 -7.24 -37.56 20.60
CA VAL A 315 -7.83 -36.58 19.69
C VAL A 315 -7.53 -35.14 20.12
N LYS A 316 -7.86 -34.80 21.37
CA LYS A 316 -7.66 -33.44 21.86
C LYS A 316 -6.21 -32.99 21.78
N GLU A 317 -5.30 -33.90 22.11
CA GLU A 317 -3.88 -33.57 22.09
C GLU A 317 -3.39 -33.41 20.64
N ALA A 318 -3.86 -34.29 19.75
CA ALA A 318 -3.53 -34.19 18.33
C ALA A 318 -4.08 -32.92 17.70
N GLN A 319 -5.25 -32.50 18.15
CA GLN A 319 -5.86 -31.28 17.64
C GLN A 319 -5.08 -30.06 18.10
N ALA A 320 -4.58 -30.11 19.34
CA ALA A 320 -3.78 -29.00 19.88
C ALA A 320 -2.41 -28.95 19.20
N ALA A 321 -1.85 -30.11 18.91
CA ALA A 321 -0.57 -30.14 18.21
C ALA A 321 -0.74 -29.49 16.85
N ALA A 322 -1.85 -29.82 16.18
CA ALA A 322 -2.13 -29.31 14.84
C ALA A 322 -2.43 -27.83 14.83
N GLU A 323 -3.06 -27.33 15.90
CA GLU A 323 -3.34 -25.90 16.02
C GLU A 323 -2.02 -25.18 16.23
N GLN A 324 -1.17 -25.74 17.09
CA GLN A 324 0.20 -25.26 17.28
C GLN A 324 0.97 -25.29 15.96
N LEU A 325 0.45 -26.04 15.00
CA LEU A 325 1.04 -26.15 13.69
C LEU A 325 0.48 -25.08 12.77
N LYS A 326 -0.67 -24.52 13.13
CA LYS A 326 -1.23 -23.40 12.40
C LYS A 326 -0.45 -22.13 12.71
N THR A 327 0.45 -22.19 13.69
CA THR A 327 1.26 -21.03 14.07
C THR A 327 2.70 -21.12 13.52
N THR A 328 3.18 -22.34 13.25
CA THR A 328 4.52 -22.55 12.68
C THR A 328 4.54 -22.22 11.18
N ARG A 329 3.39 -22.36 10.54
CA ARG A 329 3.24 -21.98 9.15
C ARG A 329 2.78 -20.53 9.07
N ASN A 330 2.21 -20.02 10.15
CA ASN A 330 1.71 -18.66 10.21
C ASN A 330 2.82 -17.63 9.96
N ALA A 331 4.06 -18.07 10.11
CA ALA A 331 5.20 -17.19 9.94
C ALA A 331 6.24 -17.75 8.98
N TYR A 332 6.76 -18.93 9.31
CA TYR A 332 7.89 -19.49 8.56
C TYR A 332 7.52 -19.91 7.13
N ILE A 333 6.38 -20.57 6.97
CA ILE A 333 5.99 -21.13 5.67
C ILE A 333 5.08 -20.22 4.85
N GLN A 334 3.93 -19.84 5.41
CA GLN A 334 2.85 -19.23 4.62
C GLN A 334 3.24 -17.90 3.99
N LYS A 335 4.08 -17.15 4.69
CA LYS A 335 4.55 -15.88 4.17
C LYS A 335 5.14 -16.10 2.78
N TYR A 336 5.98 -17.12 2.66
CA TYR A 336 6.72 -17.32 1.42
C TYR A 336 6.08 -18.36 0.49
N LEU A 337 4.99 -18.98 0.95
CA LEU A 337 4.11 -19.68 0.04
C LEU A 337 3.34 -18.68 -0.83
N ALA A 338 2.82 -17.61 -0.20
CA ALA A 338 2.08 -16.58 -0.94
C ALA A 338 2.98 -15.93 -1.98
N LYS A 339 4.27 -15.88 -1.64
CA LYS A 339 5.30 -15.39 -2.54
C LYS A 339 5.52 -16.34 -3.72
N ILE A 340 5.76 -17.62 -3.45
CA ILE A 340 6.14 -18.54 -4.52
C ILE A 340 4.96 -19.02 -5.35
N THR A 341 3.74 -18.84 -4.87
CA THR A 341 2.55 -19.14 -5.69
C THR A 341 2.10 -17.96 -6.54
N GLY A 342 2.74 -16.82 -6.37
CA GLY A 342 2.36 -15.63 -7.12
C GLY A 342 1.26 -14.81 -6.46
N ARG A 343 0.75 -15.24 -5.31
CA ARG A 343 -0.31 -14.51 -4.59
C ARG A 343 0.15 -13.11 -4.19
N GLU A 344 1.38 -13.03 -3.68
CA GLU A 344 1.93 -11.77 -3.24
C GLU A 344 2.01 -10.76 -4.39
N ARG A 345 2.51 -11.22 -5.54
CA ARG A 345 2.62 -10.34 -6.70
C ARG A 345 1.23 -9.88 -7.15
N LYS A 346 0.25 -10.78 -7.08
CA LYS A 346 -1.12 -10.46 -7.46
C LYS A 346 -1.75 -9.44 -6.51
N ALA A 347 -1.45 -9.57 -5.23
CA ALA A 347 -2.02 -8.67 -4.23
C ALA A 347 -1.42 -7.28 -4.33
N MET A 348 -0.30 -7.16 -5.04
CA MET A 348 0.33 -5.86 -5.20
C MET A 348 -0.25 -5.11 -6.40
N ARG A 349 -1.19 -5.73 -7.11
CA ARG A 349 -1.69 -5.18 -8.36
C ARG A 349 -2.37 -3.83 -8.20
N VAL A 350 -2.93 -3.57 -7.03
CA VAL A 350 -3.59 -2.31 -6.80
C VAL A 350 -2.60 -1.13 -6.77
N LEU A 351 -1.33 -1.39 -6.48
CA LEU A 351 -0.37 -0.30 -6.31
C LEU A 351 -0.06 0.47 -7.62
N PRO A 352 0.17 -0.23 -8.75
CA PRO A 352 0.37 0.50 -10.01
C PRO A 352 -0.85 1.31 -10.44
N VAL A 353 -2.05 0.84 -10.11
CA VAL A 353 -3.26 1.58 -10.44
C VAL A 353 -3.28 2.87 -9.64
N VAL A 354 -2.98 2.78 -8.35
CA VAL A 354 -2.87 4.00 -7.52
C VAL A 354 -1.78 4.95 -8.03
N VAL A 355 -0.60 4.41 -8.33
CA VAL A 355 0.49 5.23 -8.86
C VAL A 355 0.09 5.82 -10.21
N GLY A 356 -0.46 4.99 -11.09
CA GLY A 356 -0.95 5.46 -12.38
C GLY A 356 -1.91 6.63 -12.30
N ALA A 357 -2.92 6.53 -11.44
CA ALA A 357 -3.96 7.55 -11.31
C ALA A 357 -3.35 8.84 -10.76
N PHE A 358 -2.38 8.67 -9.88
CA PHE A 358 -1.70 9.81 -9.35
C PHE A 358 -0.95 10.57 -10.43
N LEU A 359 -0.30 9.83 -11.34
CA LEU A 359 0.45 10.40 -12.46
C LEU A 359 -0.48 11.05 -13.45
N LEU A 360 -1.58 10.37 -13.75
CA LEU A 360 -2.58 10.98 -14.63
C LEU A 360 -3.12 12.28 -14.05
N CYS A 361 -3.32 12.33 -12.74
CA CYS A 361 -4.00 13.48 -12.13
C CYS A 361 -3.07 14.64 -11.87
N TRP A 362 -1.80 14.36 -11.64
CA TRP A 362 -0.89 15.41 -11.23
C TRP A 362 0.15 15.82 -12.28
N THR A 363 0.43 14.97 -13.26
CA THR A 363 1.40 15.35 -14.28
C THR A 363 0.97 16.66 -14.99
N PRO A 364 -0.31 16.79 -15.38
CA PRO A 364 -0.64 18.06 -16.04
C PRO A 364 -0.41 19.26 -15.11
N PHE A 365 -0.79 19.12 -13.85
CA PHE A 365 -0.54 20.16 -12.88
C PHE A 365 0.94 20.51 -12.83
N PHE A 366 1.83 19.52 -12.72
CA PHE A 366 3.23 19.92 -12.56
C PHE A 366 3.86 20.39 -13.87
N VAL A 367 3.39 19.89 -15.00
CA VAL A 367 3.91 20.44 -16.23
C VAL A 367 3.52 21.92 -16.36
N VAL A 368 2.29 22.25 -16.02
CA VAL A 368 1.82 23.64 -16.16
C VAL A 368 2.60 24.57 -15.24
N HIS A 369 2.79 24.15 -14.02
CA HIS A 369 3.39 24.99 -13.01
C HIS A 369 4.89 25.14 -13.20
N ILE A 370 5.59 24.07 -13.59
CA ILE A 370 7.01 24.22 -13.81
C ILE A 370 7.25 25.05 -15.08
N THR A 371 6.37 24.94 -16.07
CA THR A 371 6.51 25.73 -17.29
C THR A 371 6.41 27.22 -16.99
N GLN A 372 5.31 27.62 -16.34
CA GLN A 372 5.09 28.99 -15.90
C GLN A 372 6.26 29.56 -15.12
N ALA A 373 6.79 28.74 -14.21
CA ALA A 373 7.88 29.17 -13.35
C ALA A 373 9.18 29.28 -14.12
N LEU A 374 9.40 28.39 -15.09
CA LEU A 374 10.62 28.46 -15.91
C LEU A 374 10.55 29.55 -16.98
N CYS A 375 9.33 29.80 -17.45
CA CYS A 375 9.12 30.60 -18.66
C CYS A 375 7.88 31.48 -18.51
N PRO A 376 8.06 32.67 -17.93
CA PRO A 376 6.97 33.63 -17.75
C PRO A 376 6.20 33.88 -19.05
N ALA A 377 6.93 33.96 -20.16
CA ALA A 377 6.34 34.23 -21.46
C ALA A 377 5.54 33.05 -22.01
N CYS A 378 5.76 31.86 -21.43
CA CYS A 378 4.99 30.69 -21.86
C CYS A 378 3.64 30.75 -21.18
N SER A 379 2.74 31.56 -21.75
CA SER A 379 1.47 31.87 -21.10
C SER A 379 0.54 30.66 -21.09
N VAL A 380 0.09 30.26 -19.89
CA VAL A 380 -0.90 29.22 -19.76
C VAL A 380 -2.26 29.86 -19.53
N PRO A 381 -3.29 29.42 -20.26
CA PRO A 381 -4.63 29.96 -20.03
C PRO A 381 -5.07 29.73 -18.58
N PRO A 382 -5.49 30.80 -17.89
CA PRO A 382 -5.95 30.65 -16.51
C PRO A 382 -7.00 29.56 -16.34
N ARG A 383 -7.85 29.32 -17.34
CA ARG A 383 -8.89 28.29 -17.17
C ARG A 383 -8.23 26.91 -17.12
N LEU A 384 -7.05 26.79 -17.71
CA LEU A 384 -6.34 25.51 -17.73
C LEU A 384 -5.58 25.32 -16.41
N VAL A 385 -5.02 26.41 -15.88
CA VAL A 385 -4.38 26.34 -14.57
C VAL A 385 -5.42 25.86 -13.54
N SER A 386 -6.62 26.45 -13.64
CA SER A 386 -7.73 26.04 -12.80
CA SER A 386 -7.72 26.03 -12.79
C SER A 386 -8.06 24.56 -13.02
N ALA A 387 -8.16 24.15 -14.29
CA ALA A 387 -8.50 22.76 -14.61
C ALA A 387 -7.51 21.74 -14.03
N VAL A 388 -6.20 21.96 -14.23
CA VAL A 388 -5.24 20.97 -13.78
C VAL A 388 -5.16 20.95 -12.24
N THR A 389 -5.59 22.02 -11.59
CA THR A 389 -5.65 22.03 -10.13
C THR A 389 -6.77 21.12 -9.63
N TRP A 390 -7.98 21.35 -10.14
CA TRP A 390 -9.10 20.48 -9.83
C TRP A 390 -8.75 19.03 -10.11
N LEU A 391 -8.09 18.79 -11.24
CA LEU A 391 -7.71 17.43 -11.62
C LEU A 391 -6.78 16.82 -10.55
N GLY A 392 -5.81 17.61 -10.11
CA GLY A 392 -4.96 17.20 -9.01
C GLY A 392 -5.74 16.85 -7.75
N TYR A 393 -6.69 17.70 -7.37
CA TYR A 393 -7.45 17.49 -6.13
C TYR A 393 -8.41 16.31 -6.23
N VAL A 394 -8.95 16.04 -7.43
CA VAL A 394 -9.89 14.92 -7.55
C VAL A 394 -9.20 13.59 -7.36
N ASN A 395 -7.87 13.58 -7.51
CA ASN A 395 -7.12 12.37 -7.18
C ASN A 395 -7.42 11.89 -5.76
N SER A 396 -7.62 12.86 -4.86
CA SER A 396 -7.86 12.55 -3.46
C SER A 396 -9.16 11.80 -3.24
N ALA A 397 -10.09 11.88 -4.20
CA ALA A 397 -11.34 11.12 -4.05
C ALA A 397 -11.23 9.74 -4.71
N LEU A 398 -10.16 9.51 -5.46
CA LEU A 398 -10.09 8.33 -6.32
C LEU A 398 -9.58 7.07 -5.65
N ASN A 399 -8.62 7.17 -4.73
CA ASN A 399 -8.03 5.96 -4.16
C ASN A 399 -9.03 5.03 -3.47
N PRO A 400 -9.96 5.56 -2.65
CA PRO A 400 -10.93 4.62 -2.08
C PRO A 400 -11.64 3.78 -3.13
N VAL A 401 -12.02 4.40 -4.23
CA VAL A 401 -12.63 3.68 -5.34
C VAL A 401 -11.67 2.64 -5.92
N ILE A 402 -10.40 2.99 -6.03
CA ILE A 402 -9.40 2.11 -6.62
C ILE A 402 -9.17 0.86 -5.77
N TYR A 403 -9.10 1.04 -4.46
CA TYR A 403 -8.98 -0.10 -3.54
C TYR A 403 -10.19 -1.04 -3.63
N THR A 404 -11.38 -0.46 -3.71
CA THR A 404 -12.63 -1.21 -3.75
C THR A 404 -12.71 -2.08 -5.00
N VAL A 405 -12.30 -1.51 -6.13
CA VAL A 405 -12.31 -2.21 -7.41
C VAL A 405 -11.14 -3.19 -7.49
N PHE A 406 -9.92 -2.67 -7.33
CA PHE A 406 -8.74 -3.41 -7.74
C PHE A 406 -8.01 -4.21 -6.66
N ASN A 407 -8.43 -4.12 -5.40
CA ASN A 407 -7.81 -4.96 -4.37
C ASN A 407 -8.82 -5.88 -3.70
N ALA A 408 -8.44 -7.15 -3.55
CA ALA A 408 -9.38 -8.19 -3.14
C ALA A 408 -9.86 -8.06 -1.70
N GLU A 409 -8.95 -7.77 -0.78
CA GLU A 409 -9.32 -7.63 0.63
C GLU A 409 -10.27 -6.46 0.83
N PHE A 410 -9.92 -5.29 0.28
CA PHE A 410 -10.76 -4.11 0.41
C PHE A 410 -12.13 -4.32 -0.21
N ARG A 411 -12.14 -4.88 -1.42
CA ARG A 411 -13.36 -5.24 -2.12
C ARG A 411 -14.24 -6.12 -1.23
N ASN A 412 -13.61 -7.07 -0.54
CA ASN A 412 -14.31 -8.02 0.31
C ASN A 412 -15.00 -7.34 1.51
N VAL A 413 -14.26 -6.51 2.24
CA VAL A 413 -14.83 -5.77 3.37
C VAL A 413 -15.99 -4.89 2.91
N PHE A 414 -15.79 -4.18 1.81
CA PHE A 414 -16.83 -3.36 1.18
C PHE A 414 -18.10 -4.15 0.88
N ARG A 415 -17.95 -5.25 0.15
CA ARG A 415 -19.09 -6.06 -0.29
C ARG A 415 -19.87 -6.68 0.86
N LYS A 416 -19.29 -6.68 2.06
CA LYS A 416 -20.04 -7.16 3.22
C LYS A 416 -20.51 -5.99 4.08
N ALA A 417 -20.58 -4.81 3.47
CA ALA A 417 -21.28 -3.69 4.08
C ALA A 417 -22.75 -3.72 3.66
N LEU A 418 -23.21 -4.89 3.23
CA LEU A 418 -24.61 -5.08 2.84
C LEU A 418 -25.52 -5.24 4.06
N ARG A 419 -24.94 -5.17 5.26
CA ARG A 419 -25.72 -5.25 6.48
C ARG A 419 -26.24 -3.87 6.91
#